data_8R73
#
_entry.id   8R73
#
_cell.length_a   103.63
_cell.length_b   91.39
_cell.length_c   84.77
_cell.angle_alpha   90
_cell.angle_beta   109.28
_cell.angle_gamma   90
#
_symmetry.space_group_name_H-M   'C 1 2 1'
#
loop_
_entity.id
_entity.type
_entity.pdbx_description
1 polymer 'Heparinase II/III-like protein'
2 non-polymer 'ZINC ION'
3 water water
#
_entity_poly.entity_id   1
_entity_poly.type   'polypeptide(L)'
_entity_poly.pdbx_seq_one_letter_code
;MGSSHHHHHHSSGPQQGLRYTERNLLQKAAGSEEQLKEALVMNQKWVPYPAYNDRAGWNELLGTNKESLIRAGEKMLNYE
WKVIRATDYLEYERSGERNIMQNPYEANRKAINALMLAELAEGKGRFIDQLINGAFYSCEMTSWVLSAHLVRQSTKRSLP
DYREQVIDLGSGNFGSMLSWVYYFFHDSFDKIDPVISQRLRHTLQERILDPYMNNDREWWMAFQWKPGMIINNWNPWCNS
NVLQCYLLLENDRDRLAKAVWRSMQSVDKFINFVKADGACEEGPSYWGHAAGKMYDYLQILSDGTDGKVSLFKEPMIRRM
GEYISRTYVGNGWVVNFADASAKGGGDAPLIYRYGRAVGSEEMMQFAAYLLDGKRPSVPLGNDTFRSLQSILWNGELEKT
TAAHTIPACTWYPETEFCYLTNKSGWFLATKGGFNNESHNHNDVGTFSLYVNTIPVLIDAGVGTYTRQTFSSERYTIWTM
QSNYHNLPMINGVPQSFGQNYKATDVVCQPKKRFFSANIATAYPKEAEVNSWTRAYSLGDKQLTITDNFSLKSAKESNQV
NFLTWGKVDISVPGKVTIDVQGQKVTLEYPGEFTATVETINLPDTRLSNVWGTEIYRIALKDKDARLTGKYKFVIK
;
_entity_poly.pdbx_strand_id   A
#
# COMPACT_ATOMS: atom_id res chain seq x y z
N TYR A 20 -7.90 10.26 14.99
CA TYR A 20 -7.53 9.34 16.09
C TYR A 20 -8.76 9.09 16.98
N THR A 21 -9.00 7.80 17.26
CA THR A 21 -10.14 7.30 18.03
C THR A 21 -9.63 6.20 18.97
N GLU A 22 -10.07 6.24 20.23
CA GLU A 22 -9.59 5.30 21.24
C GLU A 22 -10.38 3.98 21.17
N ARG A 23 -10.13 3.16 20.14
CA ARG A 23 -10.84 1.90 20.02
C ARG A 23 -10.26 0.81 20.92
N ASN A 24 -8.95 0.64 20.82
CA ASN A 24 -8.20 -0.32 21.62
C ASN A 24 -8.77 -1.72 21.45
N LEU A 25 -8.98 -2.11 20.19
CA LEU A 25 -9.74 -3.33 19.90
C LEU A 25 -8.97 -4.55 20.40
N LEU A 26 -7.65 -4.55 20.22
CA LEU A 26 -6.88 -5.73 20.58
C LEU A 26 -6.94 -5.95 22.09
N GLN A 27 -6.63 -4.91 22.86
CA GLN A 27 -6.63 -4.96 24.32
C GLN A 27 -8.02 -5.34 24.87
N LYS A 28 -9.12 -4.92 24.21
CA LYS A 28 -10.46 -5.28 24.67
C LYS A 28 -10.76 -6.74 24.36
N ALA A 29 -10.27 -7.24 23.24
CA ALA A 29 -10.51 -8.61 22.84
C ALA A 29 -9.81 -9.61 23.76
N ALA A 30 -8.59 -9.31 24.17
CA ALA A 30 -7.84 -10.18 25.07
C ALA A 30 -8.21 -9.94 26.53
N GLY A 31 -8.50 -8.68 26.89
CA GLY A 31 -8.87 -8.33 28.26
C GLY A 31 -7.68 -7.71 29.01
N SER A 32 -6.56 -8.44 29.04
CA SER A 32 -5.39 -8.10 29.81
C SER A 32 -4.25 -9.04 29.42
N GLU A 33 -3.05 -8.66 29.86
CA GLU A 33 -1.87 -9.47 29.67
C GLU A 33 -2.07 -10.84 30.32
N GLU A 34 -2.71 -10.87 31.49
CA GLU A 34 -2.83 -12.09 32.26
C GLU A 34 -3.78 -13.01 31.52
N GLN A 35 -4.85 -12.45 30.95
CA GLN A 35 -5.76 -13.26 30.15
C GLN A 35 -5.10 -13.70 28.85
N LEU A 36 -4.34 -12.79 28.21
CA LEU A 36 -3.53 -13.14 27.05
C LEU A 36 -2.60 -14.32 27.34
N LYS A 37 -1.94 -14.28 28.51
CA LYS A 37 -0.96 -15.30 28.83
C LYS A 37 -1.60 -16.69 28.85
N GLU A 38 -2.83 -16.79 29.36
CA GLU A 38 -3.53 -18.07 29.35
C GLU A 38 -3.90 -18.51 27.93
N ALA A 39 -4.15 -17.58 27.00
CA ALA A 39 -4.52 -17.89 25.63
C ALA A 39 -3.33 -18.34 24.77
N LEU A 40 -2.09 -18.00 25.17
CA LEU A 40 -0.93 -18.14 24.29
C LEU A 40 -0.65 -19.61 24.06
N VAL A 41 -0.18 -19.95 22.86
CA VAL A 41 0.09 -21.35 22.51
C VAL A 41 1.59 -21.56 22.61
N MET A 42 2.04 -22.40 23.54
CA MET A 42 3.46 -22.49 23.81
C MET A 42 4.08 -23.58 22.94
N ASN A 43 5.41 -23.65 22.97
CA ASN A 43 6.22 -24.68 22.30
C ASN A 43 5.97 -24.74 20.79
N GLN A 44 5.52 -23.62 20.20
CA GLN A 44 5.39 -23.46 18.75
C GLN A 44 4.40 -24.47 18.16
N LYS A 45 3.40 -24.83 18.97
CA LYS A 45 2.38 -25.76 18.55
C LYS A 45 1.33 -25.06 17.68
N TRP A 46 1.41 -23.73 17.59
CA TRP A 46 0.58 -22.95 16.70
C TRP A 46 1.07 -23.05 15.24
N VAL A 47 2.26 -23.58 15.00
CA VAL A 47 2.85 -23.53 13.67
C VAL A 47 1.94 -24.30 12.70
N PRO A 48 1.41 -23.66 11.64
CA PRO A 48 0.49 -24.35 10.74
C PRO A 48 1.09 -25.15 9.59
N TYR A 49 2.42 -25.11 9.46
CA TYR A 49 3.07 -25.85 8.39
C TYR A 49 3.48 -27.23 8.89
N PRO A 50 3.70 -28.21 7.97
CA PRO A 50 4.22 -29.53 8.35
C PRO A 50 5.64 -29.42 8.87
N ALA A 51 6.00 -30.32 9.78
CA ALA A 51 7.37 -30.45 10.28
C ALA A 51 8.34 -30.66 9.10
N TYR A 52 9.55 -30.14 9.27
CA TYR A 52 10.63 -30.29 8.30
C TYR A 52 10.80 -31.75 7.93
N ASN A 53 10.77 -32.63 8.94
CA ASN A 53 10.91 -34.06 8.71
C ASN A 53 9.62 -34.75 8.29
N ASP A 54 8.51 -34.04 8.09
CA ASP A 54 7.29 -34.69 7.59
C ASP A 54 7.25 -34.53 6.08
N ARG A 55 8.03 -35.36 5.39
CA ARG A 55 8.13 -35.24 3.95
C ARG A 55 6.77 -35.40 3.28
N ALA A 56 5.98 -36.38 3.73
CA ALA A 56 4.67 -36.66 3.13
C ALA A 56 3.77 -35.44 3.22
N GLY A 57 3.77 -34.80 4.38
CA GLY A 57 3.03 -33.55 4.57
C GLY A 57 3.45 -32.44 3.59
N TRP A 58 4.76 -32.24 3.44
CA TRP A 58 5.24 -31.19 2.53
C TRP A 58 4.87 -31.49 1.09
N ASN A 59 4.93 -32.78 0.68
CA ASN A 59 4.55 -33.16 -0.68
C ASN A 59 3.08 -32.88 -0.94
N GLU A 60 2.23 -33.29 0.00
CA GLU A 60 0.80 -33.03 -0.14
C GLU A 60 0.52 -31.52 -0.25
N LEU A 61 1.17 -30.73 0.59
CA LEU A 61 0.94 -29.29 0.63
C LEU A 61 1.49 -28.56 -0.59
N LEU A 62 2.69 -28.93 -1.04
CA LEU A 62 3.25 -28.22 -2.17
C LEU A 62 2.60 -28.57 -3.52
N GLY A 63 2.22 -29.83 -3.73
CA GLY A 63 1.78 -30.24 -5.06
C GLY A 63 2.82 -29.98 -6.14
N THR A 64 2.38 -29.33 -7.22
CA THR A 64 3.21 -29.04 -8.38
C THR A 64 4.19 -27.88 -8.09
N ASN A 65 4.01 -27.13 -7.00
CA ASN A 65 4.94 -26.06 -6.70
C ASN A 65 6.31 -26.60 -6.28
N LYS A 66 6.35 -27.85 -5.78
CA LYS A 66 7.54 -28.46 -5.21
C LYS A 66 8.74 -28.26 -6.12
N GLU A 67 8.56 -28.59 -7.41
CA GLU A 67 9.68 -28.65 -8.32
C GLU A 67 10.23 -27.26 -8.48
N SER A 68 9.37 -26.22 -8.56
CA SER A 68 9.83 -24.88 -8.88
C SER A 68 10.63 -24.29 -7.72
N LEU A 69 10.26 -24.66 -6.48
CA LEU A 69 11.00 -24.27 -5.29
C LEU A 69 12.37 -24.92 -5.26
N ILE A 70 12.47 -26.18 -5.70
CA ILE A 70 13.74 -26.87 -5.67
C ILE A 70 14.69 -26.24 -6.68
N ARG A 71 14.19 -25.79 -7.83
CA ARG A 71 15.07 -25.27 -8.88
C ARG A 71 15.55 -23.89 -8.48
N ALA A 72 14.77 -23.21 -7.63
CA ALA A 72 15.14 -21.92 -7.10
C ALA A 72 16.30 -22.09 -6.12
N GLY A 73 16.29 -23.19 -5.37
CA GLY A 73 17.38 -23.50 -4.45
C GLY A 73 18.66 -23.93 -5.18
N GLU A 74 18.52 -24.61 -6.31
CA GLU A 74 19.67 -25.07 -7.07
C GLU A 74 20.43 -23.86 -7.59
N LYS A 75 19.71 -22.83 -8.03
CA LYS A 75 20.34 -21.59 -8.43
C LYS A 75 21.19 -21.05 -7.29
N MET A 76 20.77 -21.22 -6.03
CA MET A 76 21.49 -20.61 -4.91
C MET A 76 22.60 -21.50 -4.39
N LEU A 77 22.75 -22.71 -4.95
CA LEU A 77 23.79 -23.64 -4.53
C LEU A 77 25.16 -22.98 -4.74
N ASN A 78 25.27 -22.15 -5.78
CA ASN A 78 26.53 -21.46 -6.02
C ASN A 78 26.40 -19.96 -5.77
N TYR A 79 25.44 -19.52 -4.93
CA TYR A 79 25.30 -18.10 -4.64
C TYR A 79 26.50 -17.61 -3.83
N GLU A 80 27.08 -16.46 -4.19
CA GLU A 80 28.20 -15.88 -3.47
C GLU A 80 27.73 -14.73 -2.58
N TRP A 81 27.87 -14.92 -1.27
CA TRP A 81 27.47 -13.92 -0.29
C TRP A 81 28.27 -12.65 -0.50
N LYS A 82 27.58 -11.49 -0.46
CA LYS A 82 28.23 -10.22 -0.74
C LYS A 82 28.45 -9.44 0.56
N VAL A 83 29.67 -8.90 0.67
CA VAL A 83 29.97 -7.99 1.76
C VAL A 83 29.17 -6.73 1.48
N ILE A 84 28.49 -6.20 2.49
CA ILE A 84 27.91 -4.87 2.39
C ILE A 84 28.92 -3.89 2.98
N ARG A 85 29.53 -3.08 2.12
CA ARG A 85 30.72 -2.33 2.52
C ARG A 85 30.34 -1.18 3.44
N ALA A 86 31.28 -0.76 4.29
CA ALA A 86 31.12 0.45 5.10
C ALA A 86 30.72 1.64 4.24
N THR A 87 31.40 1.87 3.11
CA THR A 87 31.07 2.94 2.17
C THR A 87 29.68 2.73 1.55
N ASP A 88 29.17 1.51 1.49
CA ASP A 88 27.81 1.28 0.98
C ASP A 88 26.78 1.92 1.92
N TYR A 89 27.04 1.94 3.23
CA TYR A 89 26.23 2.67 4.20
C TYR A 89 26.54 4.17 4.21
N LEU A 90 27.84 4.52 4.14
CA LEU A 90 28.22 5.92 4.20
C LEU A 90 27.62 6.73 3.04
N GLU A 91 27.38 6.08 1.91
CA GLU A 91 26.84 6.73 0.73
C GLU A 91 25.50 7.42 1.02
N TYR A 92 24.70 6.86 1.94
CA TYR A 92 23.39 7.41 2.21
C TYR A 92 23.56 8.83 2.72
N GLU A 93 24.53 9.00 3.63
CA GLU A 93 24.91 10.27 4.20
C GLU A 93 25.54 11.23 3.19
N ARG A 94 26.25 10.68 2.22
CA ARG A 94 27.05 11.50 1.34
C ARG A 94 26.13 12.11 0.29
N SER A 95 25.15 11.33 -0.17
CA SER A 95 24.47 11.61 -1.42
C SER A 95 23.00 11.18 -1.42
N GLY A 96 22.54 10.57 -0.33
CA GLY A 96 21.23 9.93 -0.26
C GLY A 96 21.03 8.68 -1.14
N GLU A 97 22.10 8.17 -1.78
CA GLU A 97 21.91 6.97 -2.61
C GLU A 97 21.73 5.76 -1.70
N ARG A 98 20.81 4.87 -2.07
CA ARG A 98 20.49 3.75 -1.20
C ARG A 98 20.62 2.40 -1.89
N ASN A 99 20.43 2.36 -3.22
CA ASN A 99 20.52 1.12 -3.98
C ASN A 99 21.90 0.46 -3.89
N ILE A 100 22.93 1.27 -3.69
CA ILE A 100 24.30 0.79 -3.58
C ILE A 100 24.36 -0.18 -2.41
N MET A 101 23.58 0.09 -1.34
CA MET A 101 23.52 -0.78 -0.17
C MET A 101 22.40 -1.82 -0.29
N GLN A 102 21.23 -1.44 -0.84
CA GLN A 102 20.04 -2.28 -0.83
C GLN A 102 20.20 -3.48 -1.75
N ASN A 103 20.88 -3.30 -2.88
CA ASN A 103 20.91 -4.32 -3.90
C ASN A 103 21.64 -5.57 -3.41
N PRO A 104 22.88 -5.51 -2.84
CA PRO A 104 23.51 -6.72 -2.29
C PRO A 104 22.82 -7.27 -1.04
N TYR A 105 22.24 -6.38 -0.26
CA TYR A 105 21.52 -6.81 0.93
C TYR A 105 20.34 -7.70 0.58
N GLU A 106 19.49 -7.24 -0.35
CA GLU A 106 18.36 -8.00 -0.84
C GLU A 106 18.79 -9.31 -1.49
N ALA A 107 19.86 -9.27 -2.32
CA ALA A 107 20.31 -10.50 -2.95
C ALA A 107 20.67 -11.53 -1.89
N ASN A 108 21.41 -11.08 -0.86
CA ASN A 108 21.77 -11.98 0.22
C ASN A 108 20.52 -12.57 0.89
N ARG A 109 19.54 -11.74 1.20
CA ARG A 109 18.33 -12.09 1.95
C ARG A 109 17.41 -13.04 1.16
N LYS A 110 17.20 -12.71 -0.11
CA LYS A 110 16.42 -13.53 -0.99
C LYS A 110 17.06 -14.91 -1.17
N ALA A 111 18.39 -14.98 -1.12
CA ALA A 111 19.08 -16.26 -1.37
C ALA A 111 18.72 -17.21 -0.25
N ILE A 112 18.77 -16.67 0.97
CA ILE A 112 18.45 -17.41 2.15
C ILE A 112 17.00 -17.91 2.13
N ASN A 113 16.07 -17.02 1.75
CA ASN A 113 14.64 -17.38 1.79
C ASN A 113 14.39 -18.48 0.76
N ALA A 114 15.01 -18.38 -0.41
CA ALA A 114 14.83 -19.38 -1.46
C ALA A 114 15.50 -20.70 -1.06
N LEU A 115 16.66 -20.65 -0.37
CA LEU A 115 17.30 -21.91 0.10
C LEU A 115 16.40 -22.59 1.12
N MET A 116 15.75 -21.81 1.99
CA MET A 116 14.87 -22.36 3.01
C MET A 116 13.66 -23.04 2.33
N LEU A 117 13.02 -22.36 1.38
CA LEU A 117 11.85 -22.94 0.71
C LEU A 117 12.22 -24.20 -0.05
N ALA A 118 13.41 -24.18 -0.67
CA ALA A 118 13.90 -25.32 -1.44
C ALA A 118 14.16 -26.49 -0.51
N GLU A 119 14.72 -26.25 0.67
CA GLU A 119 15.00 -27.34 1.59
C GLU A 119 13.71 -27.93 2.18
N LEU A 120 12.71 -27.08 2.47
CA LEU A 120 11.44 -27.61 2.91
C LEU A 120 10.78 -28.47 1.81
N ALA A 121 10.99 -28.10 0.54
CA ALA A 121 10.35 -28.84 -0.54
C ALA A 121 11.07 -30.16 -0.80
N GLU A 122 12.40 -30.17 -0.76
CA GLU A 122 13.13 -31.39 -1.10
C GLU A 122 13.40 -32.22 0.15
N GLY A 123 14.00 -31.62 1.18
CA GLY A 123 14.17 -32.30 2.46
C GLY A 123 15.22 -33.40 2.44
N LYS A 124 16.26 -33.26 1.60
CA LYS A 124 17.36 -34.23 1.55
C LYS A 124 18.65 -33.66 2.12
N GLY A 125 18.61 -32.42 2.69
CA GLY A 125 19.75 -31.76 3.33
C GLY A 125 20.73 -31.10 2.36
N ARG A 126 20.37 -31.01 1.09
CA ARG A 126 21.26 -30.53 0.05
C ARG A 126 21.42 -29.01 0.04
N PHE A 127 20.54 -28.27 0.75
CA PHE A 127 20.68 -26.82 0.78
C PHE A 127 21.18 -26.36 2.14
N ILE A 128 21.50 -27.29 3.04
CA ILE A 128 21.73 -26.96 4.45
C ILE A 128 23.07 -26.22 4.55
N ASP A 129 24.02 -26.52 3.66
CA ASP A 129 25.36 -25.97 3.79
C ASP A 129 25.30 -24.46 3.51
N GLN A 130 24.58 -24.11 2.46
CA GLN A 130 24.37 -22.71 2.15
C GLN A 130 23.44 -22.02 3.15
N LEU A 131 22.49 -22.74 3.73
CA LEU A 131 21.66 -22.16 4.77
C LEU A 131 22.61 -21.74 5.90
N ILE A 132 23.55 -22.64 6.26
CA ILE A 132 24.47 -22.40 7.37
C ILE A 132 25.32 -21.18 7.04
N ASN A 133 25.79 -21.13 5.79
CA ASN A 133 26.62 -20.02 5.35
C ASN A 133 25.86 -18.71 5.48
N GLY A 134 24.57 -18.73 5.14
CA GLY A 134 23.76 -17.52 5.13
C GLY A 134 23.46 -17.06 6.55
N ALA A 135 23.21 -18.03 7.41
CA ALA A 135 22.95 -17.73 8.79
C ALA A 135 24.24 -17.18 9.43
N PHE A 136 25.39 -17.75 9.01
CA PHE A 136 26.65 -17.47 9.67
C PHE A 136 27.06 -16.05 9.29
N TYR A 137 27.09 -15.83 7.97
CA TYR A 137 27.31 -14.51 7.41
C TYR A 137 26.37 -13.49 8.08
N SER A 138 25.07 -13.83 8.18
CA SER A 138 24.05 -12.95 8.75
C SER A 138 24.42 -12.56 10.17
N CYS A 139 25.09 -13.44 10.93
CA CYS A 139 25.46 -13.10 12.30
C CYS A 139 26.70 -12.21 12.33
N GLU A 140 27.56 -12.28 11.28
CA GLU A 140 28.73 -11.41 11.14
C GLU A 140 28.37 -9.98 10.72
N MET A 141 27.37 -9.81 9.83
CA MET A 141 26.90 -8.48 9.44
C MET A 141 26.67 -7.66 10.69
N THR A 142 27.02 -6.37 10.63
CA THR A 142 26.94 -5.56 11.83
C THR A 142 25.48 -5.34 12.19
N SER A 143 24.63 -5.21 11.14
CA SER A 143 23.27 -4.75 11.24
C SER A 143 22.43 -5.28 10.07
N TRP A 144 21.16 -5.57 10.36
CA TRP A 144 20.18 -5.93 9.35
C TRP A 144 19.34 -4.73 8.89
N VAL A 145 19.68 -3.51 9.35
CA VAL A 145 18.87 -2.31 9.07
C VAL A 145 19.32 -1.60 7.81
N LEU A 146 18.39 -0.97 7.07
CA LEU A 146 18.70 -0.33 5.81
C LEU A 146 19.50 0.93 6.10
N SER A 147 20.45 1.26 5.22
CA SER A 147 21.30 2.43 5.36
C SER A 147 20.51 3.70 5.62
N ALA A 148 19.39 3.89 4.88
CA ALA A 148 18.55 5.07 5.08
C ALA A 148 17.84 5.09 6.44
N HIS A 149 17.80 3.95 7.15
CA HIS A 149 17.03 3.84 8.39
C HIS A 149 17.97 3.83 9.61
N LEU A 150 19.27 3.80 9.34
CA LEU A 150 20.25 3.73 10.42
C LEU A 150 20.49 5.10 11.06
N VAL A 151 20.00 6.16 10.43
CA VAL A 151 20.11 7.51 10.95
C VAL A 151 19.18 7.73 12.14
N ARG A 152 18.44 6.70 12.56
CA ARG A 152 17.67 6.74 13.79
C ARG A 152 18.46 6.16 14.96
N GLN A 153 19.73 5.82 14.76
CA GLN A 153 20.60 5.52 15.89
C GLN A 153 20.80 6.82 16.70
N SER A 154 21.22 6.67 17.97
CA SER A 154 21.63 7.76 18.88
C SER A 154 22.41 8.84 18.17
N THR A 155 23.41 8.40 17.39
CA THR A 155 24.37 9.27 16.76
C THR A 155 23.84 9.83 15.44
N LYS A 156 22.79 9.24 14.87
CA LYS A 156 22.19 9.71 13.63
C LYS A 156 23.08 9.46 12.43
N ARG A 157 23.91 8.38 12.47
CA ARG A 157 24.85 8.06 11.39
C ARG A 157 24.26 6.97 10.49
N SER A 158 24.66 6.94 9.22
CA SER A 158 24.12 5.90 8.37
C SER A 158 24.97 4.64 8.46
N LEU A 159 26.13 4.74 9.10
CA LEU A 159 27.00 3.59 9.25
C LEU A 159 26.51 2.83 10.48
N PRO A 160 26.31 1.51 10.36
CA PRO A 160 25.87 0.71 11.48
C PRO A 160 26.94 0.85 12.55
N ASP A 161 26.45 1.09 13.78
CA ASP A 161 27.28 1.32 14.96
C ASP A 161 27.13 0.08 15.83
N TYR A 162 28.19 -0.73 15.90
CA TYR A 162 28.10 -2.05 16.52
C TYR A 162 27.57 -1.98 17.95
N ARG A 163 27.49 -0.80 18.56
CA ARG A 163 27.22 -0.72 19.99
C ARG A 163 25.72 -0.50 20.25
N GLU A 164 24.90 -0.45 19.21
CA GLU A 164 23.50 -0.08 19.30
C GLU A 164 22.71 -0.95 18.34
N GLN A 165 21.42 -1.15 18.63
CA GLN A 165 20.50 -1.80 17.71
C GLN A 165 19.27 -0.92 17.46
N VAL A 166 18.80 -0.94 16.22
CA VAL A 166 17.53 -0.35 15.81
C VAL A 166 16.71 -1.39 15.04
N ILE A 167 15.37 -1.26 15.04
CA ILE A 167 14.49 -2.13 14.26
C ILE A 167 13.86 -1.31 13.14
N ASP A 168 13.85 -1.83 11.92
CA ASP A 168 13.26 -1.11 10.80
C ASP A 168 12.51 -2.13 9.95
N LEU A 169 11.91 -1.65 8.86
CA LEU A 169 11.25 -2.53 7.90
C LEU A 169 12.17 -3.69 7.52
N GLY A 170 13.40 -3.36 7.11
CA GLY A 170 14.39 -4.31 6.62
C GLY A 170 14.79 -5.34 7.68
N SER A 171 15.18 -4.86 8.87
CA SER A 171 15.63 -5.73 9.95
C SER A 171 14.50 -6.63 10.46
N GLY A 172 13.27 -6.10 10.50
CA GLY A 172 12.12 -6.93 10.85
C GLY A 172 11.97 -8.15 9.94
N ASN A 173 11.98 -7.93 8.61
CA ASN A 173 11.83 -9.03 7.64
C ASN A 173 12.97 -10.03 7.78
N PHE A 174 14.18 -9.50 8.06
CA PHE A 174 15.41 -10.28 8.07
C PHE A 174 15.35 -11.14 9.31
N GLY A 175 14.78 -10.59 10.39
CA GLY A 175 14.63 -11.31 11.65
C GLY A 175 13.57 -12.41 11.59
N SER A 176 12.42 -12.09 10.97
CA SER A 176 11.37 -13.10 10.80
C SER A 176 11.89 -14.26 9.94
N MET A 177 12.62 -13.96 8.86
CA MET A 177 13.18 -15.01 8.02
C MET A 177 14.13 -15.91 8.79
N LEU A 178 15.05 -15.32 9.56
CA LEU A 178 16.09 -16.07 10.26
C LEU A 178 15.50 -16.83 11.43
N SER A 179 14.43 -16.29 12.02
CA SER A 179 13.67 -17.03 13.01
C SER A 179 13.06 -18.33 12.45
N TRP A 180 12.53 -18.28 11.23
CA TRP A 180 11.98 -19.49 10.63
C TRP A 180 13.08 -20.48 10.28
N VAL A 181 14.22 -19.95 9.82
CA VAL A 181 15.42 -20.71 9.50
C VAL A 181 15.88 -21.48 10.73
N TYR A 182 15.92 -20.77 11.86
CA TYR A 182 16.24 -21.39 13.13
C TYR A 182 15.22 -22.47 13.46
N TYR A 183 13.92 -22.14 13.36
CA TYR A 183 12.87 -23.05 13.81
C TYR A 183 12.93 -24.36 13.02
N PHE A 184 13.11 -24.27 11.71
CA PHE A 184 13.02 -25.46 10.90
C PHE A 184 14.31 -26.28 10.98
N PHE A 185 15.48 -25.61 11.13
CA PHE A 185 16.75 -26.19 10.73
C PHE A 185 17.76 -26.23 11.88
N HIS A 186 17.39 -25.81 13.10
CA HIS A 186 18.40 -25.76 14.14
C HIS A 186 18.94 -27.15 14.45
N ASP A 187 18.09 -28.18 14.35
CA ASP A 187 18.45 -29.57 14.65
C ASP A 187 19.45 -30.06 13.61
N SER A 188 19.25 -29.69 12.36
CA SER A 188 20.18 -30.08 11.32
C SER A 188 21.50 -29.33 11.50
N PHE A 189 21.45 -28.07 11.95
CA PHE A 189 22.64 -27.24 12.04
C PHE A 189 23.50 -27.81 13.17
N ASP A 190 22.82 -28.24 14.25
CA ASP A 190 23.44 -28.77 15.45
C ASP A 190 24.23 -30.04 15.12
N LYS A 191 23.75 -30.86 14.21
CA LYS A 191 24.48 -32.05 13.80
C LYS A 191 25.82 -31.66 13.18
N ILE A 192 25.91 -30.45 12.60
CA ILE A 192 27.13 -30.05 11.95
C ILE A 192 28.02 -29.26 12.91
N ASP A 193 27.45 -28.30 13.64
CA ASP A 193 28.17 -27.66 14.73
C ASP A 193 27.19 -26.85 15.57
N PRO A 194 26.96 -27.20 16.84
CA PRO A 194 26.00 -26.46 17.65
C PRO A 194 26.15 -24.94 17.75
N VAL A 195 27.34 -24.42 17.43
CA VAL A 195 27.55 -22.99 17.59
C VAL A 195 26.73 -22.19 16.58
N ILE A 196 26.39 -22.79 15.44
CA ILE A 196 25.64 -22.09 14.40
C ILE A 196 24.29 -21.61 14.94
N SER A 197 23.49 -22.57 15.39
CA SER A 197 22.20 -22.30 15.98
C SER A 197 22.35 -21.44 17.21
N GLN A 198 23.38 -21.75 17.99
CA GLN A 198 23.51 -21.12 19.29
C GLN A 198 23.69 -19.62 19.06
N ARG A 199 24.54 -19.29 18.09
CA ARG A 199 24.84 -17.90 17.81
C ARG A 199 23.67 -17.18 17.13
N LEU A 200 23.00 -17.88 16.21
CA LEU A 200 21.87 -17.28 15.52
C LEU A 200 20.79 -16.88 16.54
N ARG A 201 20.47 -17.80 17.46
CA ARG A 201 19.53 -17.51 18.54
C ARG A 201 19.98 -16.29 19.35
N HIS A 202 21.29 -16.21 19.64
CA HIS A 202 21.80 -15.15 20.49
C HIS A 202 21.68 -13.83 19.74
N THR A 203 22.05 -13.84 18.43
CA THR A 203 21.87 -12.69 17.54
C THR A 203 20.40 -12.22 17.42
N LEU A 204 19.45 -13.11 17.13
CA LEU A 204 18.02 -12.74 17.17
C LEU A 204 17.60 -12.09 18.50
N GLN A 205 18.08 -12.62 19.63
CA GLN A 205 17.81 -11.98 20.92
C GLN A 205 18.32 -10.54 20.95
N GLU A 206 19.49 -10.35 20.34
CA GLU A 206 20.18 -9.07 20.47
C GLU A 206 19.62 -8.03 19.50
N ARG A 207 19.05 -8.48 18.37
CA ARG A 207 18.74 -7.59 17.29
C ARG A 207 17.25 -7.37 17.10
N ILE A 208 16.41 -8.23 17.67
CA ILE A 208 14.98 -8.09 17.58
C ILE A 208 14.34 -8.09 18.94
N LEU A 209 14.60 -9.14 19.71
CA LEU A 209 13.85 -9.37 20.93
C LEU A 209 14.12 -8.28 21.97
N ASP A 210 15.41 -7.99 22.27
CA ASP A 210 15.77 -7.05 23.33
C ASP A 210 15.44 -5.62 22.95
N PRO A 211 15.85 -5.14 21.76
CA PRO A 211 15.54 -3.77 21.39
C PRO A 211 14.04 -3.43 21.38
N TYR A 212 13.20 -4.42 21.05
CA TYR A 212 11.77 -4.24 21.01
C TYR A 212 11.27 -3.82 22.40
N MET A 213 11.73 -4.55 23.44
CA MET A 213 11.25 -4.38 24.79
C MET A 213 11.91 -3.19 25.48
N ASN A 214 13.18 -2.93 25.17
CA ASN A 214 14.02 -2.04 25.97
C ASN A 214 14.02 -0.63 25.43
N ASN A 215 13.40 -0.42 24.26
CA ASN A 215 13.40 0.91 23.69
C ASN A 215 11.95 1.26 23.34
N ASP A 216 11.38 2.14 24.15
CA ASP A 216 10.02 2.64 23.98
C ASP A 216 9.85 3.72 22.90
N ARG A 217 10.96 4.19 22.33
CA ARG A 217 10.96 5.45 21.60
C ARG A 217 11.04 5.25 20.10
N GLU A 218 11.07 4.00 19.60
CA GLU A 218 11.02 3.82 18.16
C GLU A 218 9.76 4.51 17.64
N TRP A 219 9.90 5.32 16.58
CA TRP A 219 8.80 6.18 16.17
C TRP A 219 7.61 5.33 15.71
N TRP A 220 7.89 4.20 15.04
CA TRP A 220 6.83 3.39 14.45
C TRP A 220 5.97 2.70 15.51
N MET A 221 6.48 2.55 16.75
CA MET A 221 5.77 1.88 17.82
C MET A 221 4.61 2.73 18.35
N ALA A 222 4.80 4.06 18.25
CA ALA A 222 3.80 5.07 18.50
C ALA A 222 3.37 5.14 19.97
N PHE A 223 4.31 4.90 20.90
CA PHE A 223 4.08 5.08 22.32
C PHE A 223 4.33 6.54 22.73
N GLN A 224 4.92 7.36 21.84
CA GLN A 224 5.10 8.79 22.07
C GLN A 224 4.15 9.61 21.20
N TRP A 225 3.13 8.95 20.61
CA TRP A 225 2.30 9.61 19.61
C TRP A 225 1.48 10.73 20.26
N LYS A 226 1.37 11.84 19.53
CA LYS A 226 0.54 12.98 19.85
C LYS A 226 -0.09 13.47 18.54
N PRO A 227 -1.30 14.08 18.60
CA PRO A 227 -1.92 14.68 17.41
C PRO A 227 -0.94 15.46 16.53
N GLY A 228 -0.96 15.19 15.22
CA GLY A 228 -0.08 15.81 14.25
C GLY A 228 1.03 14.87 13.78
N MET A 229 1.34 13.84 14.57
CA MET A 229 2.34 12.84 14.19
C MET A 229 1.70 11.70 13.40
N ILE A 230 2.48 11.12 12.48
CA ILE A 230 2.04 10.05 11.59
C ILE A 230 2.19 8.72 12.30
N ILE A 231 1.20 7.86 12.04
CA ILE A 231 1.33 6.41 12.17
C ILE A 231 0.93 5.81 10.83
N ASN A 232 1.66 4.79 10.39
CA ASN A 232 1.50 4.28 9.03
C ASN A 232 1.92 2.80 8.99
N ASN A 233 2.18 2.33 7.75
CA ASN A 233 2.46 0.94 7.44
C ASN A 233 3.60 0.36 8.33
N TRP A 234 4.53 1.19 8.77
CA TRP A 234 5.67 0.73 9.55
C TRP A 234 5.20 -0.02 10.79
N ASN A 235 4.20 0.58 11.45
CA ASN A 235 3.71 0.06 12.70
C ASN A 235 3.25 -1.40 12.55
N PRO A 236 2.23 -1.73 11.75
CA PRO A 236 1.83 -3.13 11.66
C PRO A 236 2.88 -4.02 11.03
N TRP A 237 3.62 -3.44 10.07
CA TRP A 237 4.67 -4.19 9.39
C TRP A 237 5.77 -4.58 10.38
N CYS A 238 6.35 -3.60 11.10
CA CYS A 238 7.37 -3.92 12.08
C CYS A 238 6.81 -4.85 13.14
N ASN A 239 5.61 -4.53 13.64
CA ASN A 239 5.08 -5.34 14.71
C ASN A 239 4.86 -6.78 14.26
N SER A 240 4.41 -7.00 13.01
CA SER A 240 4.11 -8.35 12.57
C SER A 240 5.36 -9.22 12.63
N ASN A 241 6.49 -8.61 12.26
CA ASN A 241 7.74 -9.32 12.23
C ASN A 241 8.23 -9.61 13.65
N VAL A 242 8.13 -8.61 14.53
CA VAL A 242 8.47 -8.80 15.92
C VAL A 242 7.68 -9.95 16.52
N LEU A 243 6.39 -10.05 16.21
CA LEU A 243 5.54 -11.05 16.83
C LEU A 243 5.96 -12.45 16.38
N GLN A 244 6.21 -12.65 15.09
CA GLN A 244 6.69 -13.95 14.61
C GLN A 244 7.91 -14.39 15.41
N CYS A 245 8.92 -13.50 15.53
CA CYS A 245 10.14 -13.76 16.26
C CYS A 245 9.86 -14.23 17.70
N TYR A 246 9.00 -13.51 18.42
CA TYR A 246 8.62 -13.90 19.79
C TYR A 246 7.93 -15.27 19.84
N LEU A 247 6.99 -15.51 18.91
CA LEU A 247 6.25 -16.77 18.88
C LEU A 247 7.14 -17.94 18.53
N LEU A 248 8.20 -17.70 17.76
CA LEU A 248 9.09 -18.78 17.36
C LEU A 248 10.23 -19.03 18.35
N LEU A 249 10.65 -18.03 19.13
CA LEU A 249 11.87 -18.15 19.92
C LEU A 249 11.69 -18.08 21.44
N GLU A 250 10.64 -17.36 21.92
CA GLU A 250 10.54 -17.08 23.33
C GLU A 250 9.74 -18.17 24.05
N ASN A 251 10.43 -19.04 24.81
CA ASN A 251 9.78 -20.18 25.43
C ASN A 251 9.53 -19.99 26.91
N ASP A 252 9.72 -18.76 27.43
CA ASP A 252 9.27 -18.38 28.75
C ASP A 252 7.93 -17.64 28.66
N ARG A 253 6.91 -18.19 29.29
CA ARG A 253 5.56 -17.75 29.00
C ARG A 253 5.41 -16.30 29.49
N ASP A 254 5.98 -15.96 30.66
CA ASP A 254 5.86 -14.61 31.17
C ASP A 254 6.52 -13.61 30.21
N ARG A 255 7.73 -13.90 29.76
CA ARG A 255 8.38 -12.97 28.86
C ARG A 255 7.58 -12.88 27.56
N LEU A 256 7.00 -14.00 27.09
CA LEU A 256 6.23 -14.00 25.84
C LEU A 256 4.99 -13.11 25.98
N ALA A 257 4.22 -13.32 27.06
CA ALA A 257 3.01 -12.53 27.26
C ALA A 257 3.31 -11.05 27.34
N LYS A 258 4.40 -10.71 28.02
CA LYS A 258 4.77 -9.32 28.13
C LYS A 258 5.05 -8.72 26.74
N ALA A 259 5.81 -9.42 25.90
CA ALA A 259 6.11 -8.92 24.57
C ALA A 259 4.88 -8.94 23.65
N VAL A 260 4.01 -9.96 23.72
CA VAL A 260 2.87 -10.02 22.80
C VAL A 260 1.89 -8.92 23.20
N TRP A 261 1.73 -8.70 24.51
CA TRP A 261 0.90 -7.61 25.00
C TRP A 261 1.38 -6.24 24.49
N ARG A 262 2.70 -5.98 24.57
CA ARG A 262 3.19 -4.71 24.06
C ARG A 262 2.88 -4.53 22.55
N SER A 263 3.12 -5.56 21.74
CA SER A 263 2.79 -5.52 20.31
C SER A 263 1.31 -5.24 20.07
N MET A 264 0.42 -5.79 20.91
CA MET A 264 -1.00 -5.47 20.82
C MET A 264 -1.28 -4.00 21.15
N GLN A 265 -0.62 -3.44 22.19
CA GLN A 265 -0.82 -2.04 22.53
C GLN A 265 -0.30 -1.15 21.40
N SER A 266 0.79 -1.59 20.72
CA SER A 266 1.37 -0.76 19.68
C SER A 266 0.47 -0.77 18.47
N VAL A 267 0.01 -1.95 18.08
CA VAL A 267 -0.78 -2.08 16.86
C VAL A 267 -2.14 -1.40 17.07
N ASP A 268 -2.65 -1.44 18.31
CA ASP A 268 -3.90 -0.75 18.60
C ASP A 268 -3.80 0.74 18.28
N LYS A 269 -2.62 1.31 18.47
CA LYS A 269 -2.35 2.69 18.06
C LYS A 269 -2.64 2.87 16.58
N PHE A 270 -2.21 1.91 15.75
CA PHE A 270 -2.44 2.02 14.31
C PHE A 270 -3.94 1.82 14.02
N ILE A 271 -4.57 0.85 14.67
CA ILE A 271 -5.97 0.59 14.40
C ILE A 271 -6.82 1.78 14.89
N ASN A 272 -6.35 2.49 15.92
CA ASN A 272 -7.02 3.64 16.48
C ASN A 272 -6.95 4.85 15.56
N PHE A 273 -5.86 4.94 14.78
CA PHE A 273 -5.57 6.06 13.92
C PHE A 273 -6.29 5.97 12.58
N VAL A 274 -6.55 4.75 12.12
CA VAL A 274 -7.10 4.57 10.79
C VAL A 274 -8.55 5.05 10.74
N LYS A 275 -9.01 5.44 9.55
CA LYS A 275 -10.40 5.82 9.36
C LYS A 275 -11.27 4.57 9.32
N ALA A 276 -12.44 4.70 9.95
CA ALA A 276 -13.33 3.59 10.19
C ALA A 276 -13.99 3.14 8.88
N ASP A 277 -14.07 4.02 7.88
CA ASP A 277 -14.72 3.61 6.64
C ASP A 277 -13.84 2.58 5.92
N GLY A 278 -12.54 2.55 6.23
CA GLY A 278 -11.69 1.44 5.81
C GLY A 278 -10.88 1.75 4.54
N ALA A 279 -10.98 2.98 4.03
CA ALA A 279 -10.17 3.34 2.90
C ALA A 279 -8.72 3.44 3.34
N CYS A 280 -7.80 3.03 2.44
CA CYS A 280 -6.36 3.20 2.61
C CYS A 280 -5.99 4.59 2.10
N GLU A 281 -5.59 5.50 3.00
CA GLU A 281 -5.24 6.85 2.58
C GLU A 281 -3.97 6.84 1.72
N GLU A 282 -3.02 5.92 2.01
CA GLU A 282 -1.80 5.76 1.20
C GLU A 282 -2.17 5.39 -0.24
N GLY A 283 -3.28 4.67 -0.45
CA GLY A 283 -3.76 4.31 -1.79
C GLY A 283 -3.47 2.85 -2.11
N PRO A 284 -3.94 2.33 -3.28
CA PRO A 284 -3.82 0.91 -3.61
C PRO A 284 -2.42 0.34 -3.68
N SER A 285 -1.45 1.17 -4.08
CA SER A 285 -0.06 0.76 -4.16
C SER A 285 0.51 0.43 -2.77
N TYR A 286 -0.05 1.02 -1.71
CA TYR A 286 0.49 0.76 -0.37
C TYR A 286 -0.39 -0.20 0.41
N TRP A 287 -1.55 -0.58 -0.15
CA TRP A 287 -2.51 -1.34 0.64
C TRP A 287 -1.85 -2.59 1.23
N GLY A 288 -0.99 -3.26 0.44
CA GLY A 288 -0.49 -4.58 0.79
C GLY A 288 0.44 -4.59 2.00
N HIS A 289 1.05 -3.44 2.30
CA HIS A 289 1.94 -3.27 3.44
C HIS A 289 1.33 -2.42 4.57
N ALA A 290 0.14 -1.89 4.37
CA ALA A 290 -0.52 -1.13 5.43
C ALA A 290 -1.62 -2.02 6.01
N ALA A 291 -2.80 -2.03 5.39
CA ALA A 291 -3.86 -2.91 5.88
C ALA A 291 -3.48 -4.38 5.70
N GLY A 292 -2.72 -4.67 4.65
CA GLY A 292 -2.22 -6.02 4.40
C GLY A 292 -1.25 -6.56 5.46
N LYS A 293 -0.37 -5.74 6.03
CA LYS A 293 0.50 -6.18 7.12
C LYS A 293 -0.21 -6.20 8.47
N MET A 294 -1.23 -5.35 8.62
CA MET A 294 -2.10 -5.44 9.79
C MET A 294 -2.74 -6.82 9.80
N TYR A 295 -3.26 -7.23 8.62
CA TYR A 295 -3.94 -8.49 8.45
C TYR A 295 -2.95 -9.59 8.86
N ASP A 296 -1.70 -9.43 8.46
CA ASP A 296 -0.72 -10.46 8.71
C ASP A 296 -0.44 -10.55 10.20
N TYR A 297 -0.22 -9.41 10.83
CA TYR A 297 -0.10 -9.31 12.28
C TYR A 297 -1.29 -10.04 12.93
N LEU A 298 -2.52 -9.82 12.44
CA LEU A 298 -3.72 -10.38 13.09
C LEU A 298 -3.79 -11.89 12.82
N GLN A 299 -3.32 -12.32 11.66
CA GLN A 299 -3.28 -13.76 11.44
C GLN A 299 -2.34 -14.37 12.48
N ILE A 300 -1.15 -13.79 12.60
CA ILE A 300 -0.07 -14.31 13.42
C ILE A 300 -0.52 -14.35 14.87
N LEU A 301 -1.25 -13.33 15.31
CA LEU A 301 -1.74 -13.29 16.68
C LEU A 301 -2.86 -14.30 16.89
N SER A 302 -3.78 -14.40 15.93
CA SER A 302 -4.82 -15.39 16.02
C SER A 302 -4.23 -16.79 16.18
N ASP A 303 -3.29 -17.18 15.30
CA ASP A 303 -2.77 -18.53 15.32
C ASP A 303 -2.01 -18.76 16.63
N GLY A 304 -1.29 -17.74 17.09
CA GLY A 304 -0.54 -17.81 18.34
C GLY A 304 -1.42 -17.84 19.59
N THR A 305 -2.73 -17.58 19.46
CA THR A 305 -3.68 -17.63 20.57
C THR A 305 -4.81 -18.63 20.33
N ASP A 306 -4.61 -19.61 19.46
CA ASP A 306 -5.64 -20.57 19.08
C ASP A 306 -6.94 -19.89 18.67
N GLY A 307 -6.86 -18.71 18.06
CA GLY A 307 -8.05 -17.97 17.64
C GLY A 307 -8.77 -17.26 18.80
N LYS A 308 -8.20 -17.32 20.01
CA LYS A 308 -8.84 -16.67 21.14
C LYS A 308 -8.78 -15.16 21.00
N VAL A 309 -7.73 -14.61 20.38
CA VAL A 309 -7.65 -13.16 20.19
C VAL A 309 -7.79 -12.86 18.69
N SER A 310 -8.91 -12.23 18.29
CA SER A 310 -9.32 -12.10 16.89
C SER A 310 -10.17 -10.85 16.66
N LEU A 311 -9.88 -10.12 15.58
CA LEU A 311 -10.70 -9.00 15.18
C LEU A 311 -11.38 -9.29 13.85
N PHE A 312 -11.42 -10.56 13.44
CA PHE A 312 -11.76 -10.89 12.07
C PHE A 312 -13.27 -10.78 11.85
N LYS A 313 -14.08 -10.72 12.91
CA LYS A 313 -15.50 -10.45 12.76
C LYS A 313 -15.85 -8.94 12.73
N GLU A 314 -14.84 -8.06 12.85
CA GLU A 314 -15.05 -6.64 12.94
C GLU A 314 -15.21 -6.05 11.55
N PRO A 315 -16.37 -5.42 11.23
CA PRO A 315 -16.62 -4.84 9.90
C PRO A 315 -15.50 -3.94 9.39
N MET A 316 -14.93 -3.10 10.26
CA MET A 316 -13.89 -2.19 9.87
C MET A 316 -12.67 -2.95 9.31
N ILE A 317 -12.38 -4.13 9.85
CA ILE A 317 -11.23 -4.91 9.36
C ILE A 317 -11.58 -5.45 7.97
N ARG A 318 -12.84 -5.79 7.78
CA ARG A 318 -13.29 -6.31 6.50
C ARG A 318 -13.24 -5.20 5.44
N ARG A 319 -13.70 -4.02 5.80
CA ARG A 319 -13.73 -2.92 4.84
C ARG A 319 -12.32 -2.50 4.44
N MET A 320 -11.36 -2.56 5.39
CA MET A 320 -9.96 -2.26 5.14
C MET A 320 -9.40 -3.22 4.09
N GLY A 321 -9.92 -4.45 4.02
CA GLY A 321 -9.51 -5.41 3.02
C GLY A 321 -10.16 -5.15 1.65
N GLU A 322 -11.47 -4.92 1.64
CA GLU A 322 -12.22 -4.81 0.39
C GLU A 322 -11.83 -3.57 -0.42
N TYR A 323 -11.19 -2.59 0.19
CA TYR A 323 -10.74 -1.39 -0.52
C TYR A 323 -9.90 -1.75 -1.75
N ILE A 324 -9.16 -2.87 -1.71
CA ILE A 324 -8.28 -3.20 -2.82
C ILE A 324 -9.13 -3.71 -3.99
N SER A 325 -10.29 -4.27 -3.69
CA SER A 325 -11.25 -4.67 -4.70
C SER A 325 -11.94 -3.47 -5.33
N ARG A 326 -12.37 -2.48 -4.50
CA ARG A 326 -13.18 -1.36 -4.97
C ARG A 326 -12.41 -0.32 -5.76
N THR A 327 -11.09 -0.21 -5.50
CA THR A 327 -10.24 0.71 -6.26
C THR A 327 -9.75 0.09 -7.56
N TYR A 328 -10.14 -1.14 -7.91
CA TYR A 328 -9.58 -1.80 -9.09
C TYR A 328 -10.55 -1.64 -10.25
N VAL A 329 -10.18 -0.88 -11.29
CA VAL A 329 -11.12 -0.65 -12.38
C VAL A 329 -11.18 -1.81 -13.38
N GLY A 330 -10.02 -2.24 -13.89
CA GLY A 330 -9.93 -3.37 -14.83
C GLY A 330 -8.65 -3.33 -15.65
N ASN A 331 -8.20 -4.52 -16.12
CA ASN A 331 -7.05 -4.69 -17.01
C ASN A 331 -5.84 -3.90 -16.51
N GLY A 332 -5.58 -3.99 -15.20
CA GLY A 332 -4.43 -3.33 -14.60
C GLY A 332 -4.65 -1.87 -14.23
N TRP A 333 -5.79 -1.26 -14.54
CA TRP A 333 -5.97 0.13 -14.11
C TRP A 333 -6.60 0.20 -12.73
N VAL A 334 -6.02 1.06 -11.88
CA VAL A 334 -6.57 1.34 -10.56
C VAL A 334 -6.76 2.85 -10.38
N VAL A 335 -7.67 3.23 -9.47
CA VAL A 335 -7.88 4.62 -9.07
C VAL A 335 -6.58 5.11 -8.41
N ASN A 336 -6.08 6.27 -8.85
CA ASN A 336 -4.76 6.74 -8.48
C ASN A 336 -4.79 8.20 -8.11
N PHE A 337 -5.50 8.50 -7.03
CA PHE A 337 -5.45 9.80 -6.38
C PHE A 337 -4.09 9.92 -5.72
N ALA A 338 -3.61 11.15 -5.55
CA ALA A 338 -2.36 11.42 -4.86
C ALA A 338 -1.19 10.80 -5.64
N ASP A 339 0.00 10.74 -5.06
CA ASP A 339 1.20 10.46 -5.83
C ASP A 339 1.35 8.95 -5.99
N ALA A 340 0.47 8.37 -6.82
CA ALA A 340 0.33 6.94 -6.96
C ALA A 340 0.22 6.57 -8.44
N SER A 341 0.68 5.34 -8.72
CA SER A 341 0.60 4.76 -10.05
C SER A 341 -0.83 4.52 -10.48
N ALA A 342 -1.12 4.84 -11.73
CA ALA A 342 -2.39 4.47 -12.35
C ALA A 342 -2.51 2.96 -12.56
N LYS A 343 -1.38 2.22 -12.52
CA LYS A 343 -1.34 0.78 -12.74
C LYS A 343 -1.17 0.00 -11.42
N GLY A 344 -1.80 -1.18 -11.32
CA GLY A 344 -1.80 -1.96 -10.09
C GLY A 344 -2.40 -3.34 -10.36
N GLY A 345 -2.72 -4.10 -9.30
CA GLY A 345 -3.21 -5.46 -9.43
C GLY A 345 -2.47 -6.41 -8.50
N GLY A 346 -2.82 -6.31 -7.21
CA GLY A 346 -1.95 -6.66 -6.10
C GLY A 346 -1.66 -8.15 -5.95
N ASP A 347 -1.30 -8.49 -4.70
CA ASP A 347 -0.80 -9.81 -4.35
C ASP A 347 -2.01 -10.71 -4.18
N ALA A 348 -2.41 -11.43 -5.25
CA ALA A 348 -3.57 -12.31 -5.16
C ALA A 348 -3.50 -13.30 -3.98
N PRO A 349 -2.39 -14.01 -3.73
CA PRO A 349 -2.36 -14.95 -2.60
C PRO A 349 -2.71 -14.30 -1.25
N LEU A 350 -2.08 -13.15 -1.01
CA LEU A 350 -2.39 -12.27 0.11
C LEU A 350 -3.86 -11.91 0.20
N ILE A 351 -4.41 -11.31 -0.88
CA ILE A 351 -5.78 -10.84 -0.92
C ILE A 351 -6.75 -12.00 -0.64
N TYR A 352 -6.46 -13.17 -1.20
CA TYR A 352 -7.19 -14.38 -0.88
C TYR A 352 -7.22 -14.67 0.62
N ARG A 353 -6.05 -14.66 1.28
CA ARG A 353 -5.97 -15.07 2.68
C ARG A 353 -6.69 -14.05 3.58
N TYR A 354 -6.55 -12.75 3.25
CA TYR A 354 -7.24 -11.73 4.01
C TYR A 354 -8.74 -11.98 3.84
N GLY A 355 -9.18 -12.14 2.59
CA GLY A 355 -10.58 -12.39 2.30
C GLY A 355 -11.10 -13.62 3.02
N ARG A 356 -10.36 -14.72 3.00
CA ARG A 356 -10.83 -15.89 3.73
C ARG A 356 -11.00 -15.61 5.24
N ALA A 357 -10.03 -14.90 5.84
CA ALA A 357 -10.06 -14.67 7.27
C ALA A 357 -11.27 -13.85 7.70
N VAL A 358 -11.69 -12.85 6.90
CA VAL A 358 -12.78 -11.95 7.28
C VAL A 358 -14.10 -12.40 6.63
N GLY A 359 -14.14 -13.53 5.95
CA GLY A 359 -15.34 -13.99 5.26
C GLY A 359 -15.82 -13.04 4.16
N SER A 360 -14.88 -12.47 3.39
CA SER A 360 -15.22 -11.63 2.24
C SER A 360 -15.16 -12.43 0.95
N GLU A 361 -16.31 -12.88 0.45
CA GLU A 361 -16.33 -13.61 -0.80
C GLU A 361 -15.81 -12.72 -1.93
N GLU A 362 -16.13 -11.42 -1.86
CA GLU A 362 -15.66 -10.43 -2.79
C GLU A 362 -14.14 -10.48 -2.89
N MET A 363 -13.48 -10.44 -1.73
CA MET A 363 -12.01 -10.46 -1.70
C MET A 363 -11.43 -11.73 -2.31
N MET A 364 -12.03 -12.90 -2.00
CA MET A 364 -11.52 -14.16 -2.55
C MET A 364 -11.74 -14.27 -4.07
N GLN A 365 -12.96 -14.01 -4.55
CA GLN A 365 -13.26 -14.00 -5.99
C GLN A 365 -12.30 -13.09 -6.77
N PHE A 366 -12.03 -11.90 -6.21
CA PHE A 366 -11.18 -10.88 -6.81
C PHE A 366 -9.73 -11.36 -6.88
N ALA A 367 -9.23 -12.00 -5.82
CA ALA A 367 -7.92 -12.61 -5.89
C ALA A 367 -7.86 -13.60 -7.05
N ALA A 368 -8.84 -14.51 -7.16
CA ALA A 368 -8.91 -15.42 -8.30
C ALA A 368 -8.98 -14.65 -9.62
N TYR A 369 -9.72 -13.54 -9.64
CA TYR A 369 -9.84 -12.70 -10.84
C TYR A 369 -8.49 -12.11 -11.28
N LEU A 370 -7.69 -11.65 -10.31
CA LEU A 370 -6.38 -11.09 -10.60
C LEU A 370 -5.49 -12.11 -11.27
N LEU A 371 -5.69 -13.43 -11.05
CA LEU A 371 -4.84 -14.42 -11.67
C LEU A 371 -5.08 -14.54 -13.19
N ASP A 372 -6.23 -14.06 -13.66
CA ASP A 372 -6.53 -13.94 -15.08
C ASP A 372 -6.41 -15.30 -15.79
N GLY A 373 -6.86 -16.38 -15.15
CA GLY A 373 -6.79 -17.71 -15.72
C GLY A 373 -5.41 -18.37 -15.60
N LYS A 374 -4.57 -17.93 -14.67
CA LYS A 374 -3.27 -18.54 -14.47
C LYS A 374 -3.23 -19.11 -13.05
N ARG A 375 -2.32 -20.05 -12.87
CA ARG A 375 -2.12 -20.69 -11.58
C ARG A 375 -1.39 -19.73 -10.65
N PRO A 376 -1.74 -19.69 -9.35
CA PRO A 376 -1.03 -18.83 -8.40
C PRO A 376 0.41 -19.28 -8.21
N SER A 377 1.29 -18.39 -7.75
CA SER A 377 2.64 -18.84 -7.46
C SER A 377 3.07 -18.54 -6.02
N VAL A 378 3.92 -19.42 -5.51
CA VAL A 378 4.61 -19.19 -4.26
C VAL A 378 5.67 -18.11 -4.49
N PRO A 379 5.57 -16.94 -3.80
CA PRO A 379 6.53 -15.85 -3.99
C PRO A 379 7.86 -16.16 -3.29
N LEU A 380 8.96 -15.72 -3.91
CA LEU A 380 10.28 -15.90 -3.32
C LEU A 380 10.55 -14.70 -2.40
N GLY A 381 11.22 -13.66 -2.87
CA GLY A 381 11.21 -12.40 -2.12
C GLY A 381 11.90 -12.54 -0.75
N ASN A 382 11.57 -11.62 0.16
CA ASN A 382 12.25 -11.49 1.43
C ASN A 382 11.23 -11.64 2.59
N ASP A 383 10.01 -12.08 2.27
CA ASP A 383 8.93 -12.17 3.28
C ASP A 383 8.55 -13.63 3.55
N THR A 384 9.18 -14.26 4.56
CA THR A 384 9.04 -15.69 4.73
C THR A 384 7.59 -16.03 5.09
N PHE A 385 6.97 -15.21 5.94
CA PHE A 385 5.59 -15.42 6.37
C PHE A 385 4.70 -15.56 5.12
N ARG A 386 4.92 -14.68 4.14
CA ARG A 386 4.05 -14.68 2.97
C ARG A 386 4.40 -15.85 2.03
N SER A 387 5.68 -16.26 1.97
CA SER A 387 6.04 -17.42 1.16
C SER A 387 5.31 -18.63 1.73
N LEU A 388 5.50 -18.89 3.02
CA LEU A 388 4.90 -20.00 3.71
C LEU A 388 3.37 -19.97 3.67
N GLN A 389 2.75 -18.80 3.86
CA GLN A 389 1.29 -18.71 3.83
C GLN A 389 0.78 -18.91 2.39
N SER A 390 1.59 -18.54 1.41
CA SER A 390 1.18 -18.82 0.03
C SER A 390 1.23 -20.33 -0.25
N ILE A 391 2.21 -21.05 0.32
CA ILE A 391 2.25 -22.51 0.19
C ILE A 391 0.97 -23.08 0.83
N LEU A 392 0.60 -22.55 2.01
CA LEU A 392 -0.52 -23.09 2.76
C LEU A 392 -1.84 -22.94 1.99
N TRP A 393 -2.09 -21.78 1.38
CA TRP A 393 -3.44 -21.44 0.95
C TRP A 393 -3.55 -21.31 -0.56
N ASN A 394 -2.45 -21.42 -1.30
CA ASN A 394 -2.54 -21.23 -2.73
C ASN A 394 -3.47 -22.25 -3.40
N GLY A 395 -3.55 -23.48 -2.89
CA GLY A 395 -4.39 -24.52 -3.47
C GLY A 395 -5.87 -24.19 -3.43
N GLU A 396 -6.34 -23.66 -2.30
CA GLU A 396 -7.68 -23.08 -2.23
C GLU A 396 -7.87 -21.92 -3.20
N LEU A 397 -6.92 -20.96 -3.30
CA LEU A 397 -6.99 -19.89 -4.30
C LEU A 397 -7.14 -20.45 -5.72
N GLU A 398 -6.41 -21.55 -6.03
CA GLU A 398 -6.38 -22.11 -7.38
C GLU A 398 -7.76 -22.61 -7.80
N LYS A 399 -8.55 -23.10 -6.85
CA LYS A 399 -9.90 -23.62 -7.06
C LYS A 399 -11.01 -22.54 -6.97
N THR A 400 -10.73 -21.35 -6.45
CA THR A 400 -11.78 -20.38 -6.21
C THR A 400 -12.29 -19.78 -7.52
N THR A 401 -13.62 -19.66 -7.66
CA THR A 401 -14.22 -19.09 -8.87
C THR A 401 -13.94 -17.60 -8.89
N ALA A 402 -13.52 -17.09 -10.07
CA ALA A 402 -13.08 -15.71 -10.22
C ALA A 402 -14.24 -14.75 -10.54
N ALA A 403 -14.21 -13.53 -10.02
CA ALA A 403 -15.17 -12.50 -10.44
C ALA A 403 -14.73 -11.16 -9.85
N HIS A 404 -15.16 -10.08 -10.50
CA HIS A 404 -14.96 -8.77 -9.95
C HIS A 404 -16.24 -8.01 -10.22
N THR A 405 -17.22 -8.16 -9.34
CA THR A 405 -18.49 -7.52 -9.54
C THR A 405 -18.48 -6.22 -8.76
N ILE A 406 -18.46 -5.09 -9.49
CA ILE A 406 -18.29 -3.77 -8.90
C ILE A 406 -19.68 -3.13 -8.75
N PRO A 407 -20.11 -2.86 -7.50
CA PRO A 407 -21.39 -2.20 -7.25
C PRO A 407 -21.56 -0.79 -7.86
N ALA A 408 -22.83 -0.34 -7.90
CA ALA A 408 -23.24 0.94 -8.47
C ALA A 408 -22.54 2.11 -7.78
N CYS A 409 -22.33 2.03 -6.46
CA CYS A 409 -21.70 3.09 -5.67
C CYS A 409 -20.91 2.52 -4.51
N THR A 410 -19.68 3.01 -4.27
CA THR A 410 -18.96 2.77 -3.04
C THR A 410 -18.63 4.12 -2.41
N TRP A 411 -18.98 4.33 -1.13
CA TRP A 411 -18.86 5.65 -0.51
C TRP A 411 -18.08 5.51 0.79
N TYR A 412 -16.91 6.16 0.84
CA TYR A 412 -16.07 6.18 2.02
C TYR A 412 -16.17 7.56 2.65
N PRO A 413 -17.06 7.75 3.65
CA PRO A 413 -17.42 9.11 4.07
C PRO A 413 -16.41 9.91 4.89
N GLU A 414 -15.46 9.25 5.55
CA GLU A 414 -14.48 9.99 6.33
C GLU A 414 -13.29 10.36 5.43
N THR A 415 -12.77 9.35 4.71
CA THR A 415 -11.71 9.56 3.74
C THR A 415 -12.23 10.45 2.60
N GLU A 416 -13.55 10.36 2.30
CA GLU A 416 -14.22 11.12 1.23
C GLU A 416 -13.79 10.65 -0.17
N PHE A 417 -13.75 9.34 -0.36
CA PHE A 417 -13.61 8.77 -1.69
C PHE A 417 -14.97 8.21 -2.06
N CYS A 418 -15.34 8.38 -3.34
CA CYS A 418 -16.60 7.88 -3.84
C CYS A 418 -16.35 7.23 -5.18
N TYR A 419 -16.81 5.99 -5.38
CA TYR A 419 -16.61 5.29 -6.65
C TYR A 419 -17.99 4.94 -7.15
N LEU A 420 -18.26 5.27 -8.40
CA LEU A 420 -19.58 5.07 -8.98
C LEU A 420 -19.45 4.30 -10.29
N THR A 421 -20.47 3.51 -10.61
CA THR A 421 -20.43 2.59 -11.75
C THR A 421 -21.81 2.50 -12.42
N ASN A 422 -21.80 2.33 -13.75
CA ASN A 422 -23.00 2.05 -14.52
C ASN A 422 -22.83 0.77 -15.36
N LYS A 423 -23.93 0.37 -16.01
CA LYS A 423 -24.02 -0.87 -16.75
C LYS A 423 -23.38 -0.83 -18.13
N SER A 424 -23.10 0.36 -18.67
CA SER A 424 -22.37 0.46 -19.93
C SER A 424 -20.87 0.45 -19.70
N GLY A 425 -20.40 -0.05 -18.56
CA GLY A 425 -18.97 -0.19 -18.30
C GLY A 425 -18.24 1.09 -17.85
N TRP A 426 -18.97 2.07 -17.30
CA TRP A 426 -18.35 3.30 -16.83
C TRP A 426 -17.98 3.19 -15.36
N PHE A 427 -16.84 3.81 -15.01
CA PHE A 427 -16.33 3.90 -13.63
C PHE A 427 -15.89 5.34 -13.39
N LEU A 428 -16.51 5.97 -12.41
CA LEU A 428 -16.21 7.35 -12.06
C LEU A 428 -15.62 7.34 -10.66
N ALA A 429 -14.43 7.94 -10.47
CA ALA A 429 -13.92 8.12 -9.12
C ALA A 429 -13.84 9.62 -8.85
N THR A 430 -14.25 9.99 -7.63
CA THR A 430 -14.28 11.38 -7.17
C THR A 430 -13.81 11.40 -5.73
N LYS A 431 -13.42 12.59 -5.27
CA LYS A 431 -12.96 12.75 -3.91
C LYS A 431 -13.32 14.14 -3.42
N GLY A 432 -13.52 14.26 -2.10
CA GLY A 432 -13.45 15.50 -1.37
C GLY A 432 -12.06 15.65 -0.76
N GLY A 433 -11.99 15.56 0.58
CA GLY A 433 -10.73 15.48 1.31
C GLY A 433 -10.06 16.84 1.53
N PHE A 434 -8.73 16.83 1.55
CA PHE A 434 -7.94 18.00 1.94
C PHE A 434 -6.53 17.93 1.34
N ASN A 435 -5.83 19.07 1.28
CA ASN A 435 -4.54 19.11 0.61
C ASN A 435 -3.36 18.93 1.59
N ASN A 436 -3.47 17.91 2.45
CA ASN A 436 -2.32 17.38 3.15
C ASN A 436 -2.55 15.89 3.38
N GLU A 437 -3.09 15.24 2.35
CA GLU A 437 -3.31 13.80 2.36
C GLU A 437 -1.97 13.12 2.14
N SER A 438 -1.89 11.82 2.49
CA SER A 438 -0.70 11.02 2.16
C SER A 438 -0.33 11.21 0.69
N HIS A 439 0.97 11.43 0.45
CA HIS A 439 1.52 11.66 -0.88
C HIS A 439 0.67 12.67 -1.63
N ASN A 440 0.21 13.70 -0.91
CA ASN A 440 -0.77 14.66 -1.39
C ASN A 440 -0.52 15.09 -2.82
N HIS A 441 -1.60 15.04 -3.61
CA HIS A 441 -1.84 15.98 -4.69
C HIS A 441 -2.88 17.04 -4.26
N ASN A 442 -2.82 18.21 -4.94
CA ASN A 442 -3.84 19.24 -4.78
C ASN A 442 -5.01 18.95 -5.74
N ASP A 443 -6.05 18.26 -5.25
CA ASP A 443 -7.01 17.60 -6.13
C ASP A 443 -8.37 17.46 -5.47
N VAL A 444 -8.77 18.41 -4.61
CA VAL A 444 -10.06 18.36 -3.92
C VAL A 444 -11.19 18.54 -4.95
N GLY A 445 -12.07 17.53 -5.01
CA GLY A 445 -13.21 17.53 -5.91
C GLY A 445 -12.88 16.97 -7.29
N THR A 446 -11.63 16.52 -7.53
CA THR A 446 -11.25 15.98 -8.83
C THR A 446 -12.13 14.77 -9.18
N PHE A 447 -12.16 14.40 -10.47
CA PHE A 447 -12.66 13.10 -10.86
C PHE A 447 -11.74 12.45 -11.90
N SER A 448 -11.93 11.14 -12.01
CA SER A 448 -11.32 10.33 -13.04
C SER A 448 -12.45 9.50 -13.65
N LEU A 449 -12.53 9.39 -14.95
CA LEU A 449 -13.54 8.59 -15.62
C LEU A 449 -12.86 7.54 -16.51
N TYR A 450 -13.39 6.30 -16.45
CA TYR A 450 -12.93 5.17 -17.23
C TYR A 450 -14.14 4.59 -17.94
N VAL A 451 -13.97 4.14 -19.17
CA VAL A 451 -15.05 3.52 -19.90
C VAL A 451 -14.54 2.19 -20.46
N ASN A 452 -15.22 1.09 -20.08
CA ASN A 452 -14.78 -0.28 -20.41
C ASN A 452 -13.30 -0.48 -20.05
N THR A 453 -12.96 -0.01 -18.85
CA THR A 453 -11.69 -0.18 -18.17
C THR A 453 -10.65 0.75 -18.78
N ILE A 454 -10.98 1.43 -19.88
CA ILE A 454 -10.04 2.35 -20.50
C ILE A 454 -10.15 3.71 -19.82
N PRO A 455 -9.04 4.28 -19.26
CA PRO A 455 -9.05 5.65 -18.77
C PRO A 455 -9.38 6.65 -19.88
N VAL A 456 -10.26 7.61 -19.58
CA VAL A 456 -10.65 8.59 -20.60
C VAL A 456 -10.47 10.00 -20.05
N LEU A 457 -10.88 10.26 -18.82
CA LEU A 457 -10.41 11.45 -18.12
C LEU A 457 -9.60 11.02 -16.92
N ILE A 458 -8.34 11.50 -16.87
CA ILE A 458 -7.29 10.76 -16.20
C ILE A 458 -6.65 11.67 -15.17
N ASP A 459 -5.95 10.97 -14.26
CA ASP A 459 -5.18 11.56 -13.17
C ASP A 459 -3.78 10.99 -13.35
N ALA A 460 -2.77 11.87 -13.56
CA ALA A 460 -1.47 11.49 -14.10
C ALA A 460 -0.70 10.56 -13.16
N GLY A 461 -0.69 10.90 -11.88
CA GLY A 461 -0.09 10.05 -10.87
C GLY A 461 1.40 10.33 -10.67
N VAL A 462 2.15 9.27 -10.36
CA VAL A 462 3.46 9.32 -9.72
C VAL A 462 4.56 9.41 -10.78
N GLY A 463 5.44 10.38 -10.60
CA GLY A 463 6.66 10.55 -11.41
C GLY A 463 7.90 10.14 -10.61
N THR A 464 9.07 10.27 -11.26
CA THR A 464 10.34 9.95 -10.64
C THR A 464 10.63 10.96 -9.52
N TYR A 465 11.09 10.45 -8.38
CA TYR A 465 11.43 11.36 -7.28
C TYR A 465 12.63 12.20 -7.67
N THR A 466 12.56 13.50 -7.35
CA THR A 466 13.68 14.42 -7.42
C THR A 466 13.88 15.13 -6.07
N ARG A 467 14.81 16.09 -6.08
CA ARG A 467 15.10 16.90 -4.91
C ARG A 467 13.88 17.76 -4.54
N GLN A 468 13.09 18.17 -5.54
CA GLN A 468 11.92 19.00 -5.29
C GLN A 468 10.77 18.21 -4.69
N THR A 469 10.66 16.91 -4.99
CA THR A 469 9.44 16.15 -4.68
C THR A 469 9.01 16.38 -3.22
N PHE A 470 9.97 16.23 -2.29
CA PHE A 470 9.69 16.25 -0.86
C PHE A 470 10.16 17.59 -0.26
N SER A 471 10.39 18.57 -1.13
CA SER A 471 10.78 19.91 -0.75
C SER A 471 9.54 20.81 -0.72
N SER A 472 9.76 22.09 -0.46
CA SER A 472 8.69 23.06 -0.47
C SER A 472 8.57 23.67 -1.86
N GLU A 473 9.38 23.22 -2.82
CA GLU A 473 9.08 23.45 -4.22
C GLU A 473 8.20 22.33 -4.83
N ARG A 474 7.62 21.46 -3.99
CA ARG A 474 6.89 20.28 -4.47
C ARG A 474 5.80 20.66 -5.48
N TYR A 475 5.08 21.80 -5.27
CA TYR A 475 3.88 22.12 -6.03
C TYR A 475 4.26 22.98 -7.22
N THR A 476 5.56 22.99 -7.57
CA THR A 476 6.03 23.44 -8.88
C THR A 476 6.04 22.27 -9.86
N ILE A 477 5.88 21.04 -9.35
CA ILE A 477 5.80 19.85 -10.18
C ILE A 477 4.36 19.71 -10.71
N TRP A 478 4.20 19.70 -12.03
CA TRP A 478 2.88 19.78 -12.65
C TRP A 478 1.94 18.65 -12.20
N THR A 479 2.42 17.42 -11.97
CA THR A 479 1.56 16.32 -11.56
C THR A 479 0.90 16.58 -10.19
N MET A 480 1.44 17.52 -9.41
CA MET A 480 1.01 17.72 -8.04
C MET A 480 -0.02 18.86 -7.96
N GLN A 481 -0.18 19.58 -9.08
CA GLN A 481 -0.94 20.82 -9.12
C GLN A 481 -2.37 20.59 -9.61
N SER A 482 -3.32 21.29 -9.00
CA SER A 482 -4.72 21.17 -9.35
C SER A 482 -4.91 21.59 -10.82
N ASN A 483 -3.95 22.34 -11.34
CA ASN A 483 -3.93 22.78 -12.73
C ASN A 483 -4.05 21.60 -13.68
N TYR A 484 -3.42 20.45 -13.29
CA TYR A 484 -3.34 19.28 -14.14
C TYR A 484 -4.24 18.17 -13.62
N HIS A 485 -5.26 18.55 -12.86
CA HIS A 485 -6.31 17.63 -12.45
C HIS A 485 -7.58 18.15 -13.08
N ASN A 486 -8.68 17.43 -12.81
CA ASN A 486 -9.92 17.65 -13.54
C ASN A 486 -10.80 18.59 -12.74
N LEU A 487 -10.41 19.88 -12.75
CA LEU A 487 -10.79 20.85 -11.74
C LEU A 487 -10.83 22.21 -12.41
N PRO A 488 -11.55 23.19 -11.84
CA PRO A 488 -11.42 24.58 -12.25
C PRO A 488 -10.27 25.30 -11.56
N MET A 489 -9.70 26.28 -12.27
CA MET A 489 -8.90 27.38 -11.75
C MET A 489 -9.78 28.60 -11.57
N ILE A 490 -10.13 28.87 -10.32
CA ILE A 490 -11.15 29.84 -9.97
C ILE A 490 -10.52 31.23 -9.96
N ASN A 491 -11.06 32.11 -10.82
CA ASN A 491 -10.47 33.40 -11.12
C ASN A 491 -9.04 33.18 -11.64
N GLY A 492 -8.80 32.06 -12.35
CA GLY A 492 -7.47 31.66 -12.78
C GLY A 492 -6.52 31.31 -11.62
N VAL A 493 -7.02 30.93 -10.46
CA VAL A 493 -6.13 30.54 -9.37
C VAL A 493 -6.37 29.05 -9.06
N PRO A 494 -5.30 28.23 -8.92
CA PRO A 494 -5.42 26.81 -8.57
C PRO A 494 -5.58 26.63 -7.06
N GLN A 495 -5.72 25.38 -6.60
CA GLN A 495 -5.79 25.05 -5.19
C GLN A 495 -4.42 25.20 -4.52
N SER A 496 -4.43 25.32 -3.19
CA SER A 496 -3.21 25.56 -2.43
C SER A 496 -2.98 24.39 -1.50
N PHE A 497 -1.70 24.10 -1.25
CA PHE A 497 -1.29 23.06 -0.31
C PHE A 497 -1.69 23.47 1.11
N GLY A 498 -2.11 22.50 1.91
CA GLY A 498 -2.28 22.72 3.34
C GLY A 498 -3.45 21.91 3.88
N GLN A 499 -3.35 21.51 5.14
CA GLN A 499 -4.37 20.74 5.85
C GLN A 499 -5.73 21.44 5.80
N ASN A 500 -5.77 22.78 5.83
CA ASN A 500 -7.03 23.49 5.98
C ASN A 500 -7.56 23.94 4.61
N TYR A 501 -6.92 23.49 3.52
CA TYR A 501 -7.53 23.55 2.20
C TYR A 501 -8.28 22.24 1.98
N LYS A 502 -9.60 22.28 2.19
CA LYS A 502 -10.44 21.10 2.25
C LYS A 502 -11.79 21.31 1.57
N ALA A 503 -12.45 20.20 1.21
CA ALA A 503 -13.82 20.26 0.77
C ALA A 503 -14.69 20.52 2.00
N THR A 504 -15.80 21.22 1.80
CA THR A 504 -16.86 21.32 2.78
C THR A 504 -18.19 21.01 2.08
N ASP A 505 -19.23 20.81 2.90
CA ASP A 505 -20.57 20.51 2.46
C ASP A 505 -20.54 19.31 1.53
N VAL A 506 -19.76 18.29 1.90
CA VAL A 506 -19.59 17.09 1.07
C VAL A 506 -20.87 16.25 1.15
N VAL A 507 -21.42 15.88 -0.01
CA VAL A 507 -22.64 15.08 -0.09
C VAL A 507 -22.44 13.90 -1.04
N CYS A 508 -22.95 12.73 -0.66
CA CYS A 508 -22.99 11.58 -1.56
C CYS A 508 -24.36 10.96 -1.42
N GLN A 509 -25.11 10.84 -2.52
CA GLN A 509 -26.40 10.16 -2.49
C GLN A 509 -26.31 8.91 -3.37
N PRO A 510 -25.97 7.73 -2.79
CA PRO A 510 -25.76 6.52 -3.59
C PRO A 510 -26.88 6.19 -4.56
N LYS A 511 -28.13 6.26 -4.08
CA LYS A 511 -29.31 6.01 -4.88
C LYS A 511 -29.44 6.92 -6.11
N LYS A 512 -28.85 8.12 -6.06
CA LYS A 512 -28.87 8.97 -7.26
C LYS A 512 -27.51 8.99 -7.99
N ARG A 513 -26.55 8.18 -7.55
CA ARG A 513 -25.18 8.16 -8.09
C ARG A 513 -24.67 9.59 -8.15
N PHE A 514 -24.70 10.23 -6.98
CA PHE A 514 -24.49 11.68 -6.91
C PHE A 514 -23.42 11.97 -5.85
N PHE A 515 -22.48 12.84 -6.22
CA PHE A 515 -21.54 13.38 -5.25
C PHE A 515 -21.36 14.87 -5.52
N SER A 516 -21.24 15.66 -4.44
CA SER A 516 -20.85 17.05 -4.62
C SER A 516 -20.04 17.55 -3.42
N ALA A 517 -19.26 18.57 -3.69
CA ALA A 517 -18.43 19.18 -2.67
C ALA A 517 -18.27 20.66 -2.98
N ASN A 518 -18.40 21.47 -1.93
CA ASN A 518 -18.00 22.86 -1.99
C ASN A 518 -16.48 22.90 -1.94
N ILE A 519 -15.85 23.15 -3.08
CA ILE A 519 -14.41 23.09 -3.20
C ILE A 519 -13.77 24.47 -3.00
N ALA A 520 -14.59 25.52 -2.76
CA ALA A 520 -14.12 26.88 -2.61
C ALA A 520 -13.01 26.95 -1.56
N THR A 521 -13.14 26.12 -0.53
CA THR A 521 -12.32 26.18 0.67
C THR A 521 -11.01 25.46 0.49
N ALA A 522 -10.76 24.90 -0.70
CA ALA A 522 -9.45 24.35 -1.06
C ALA A 522 -8.62 25.37 -1.84
N TYR A 523 -9.22 26.54 -2.11
CA TYR A 523 -8.52 27.62 -2.78
C TYR A 523 -8.12 28.71 -1.79
N PRO A 524 -7.04 29.44 -2.06
CA PRO A 524 -6.62 30.54 -1.18
C PRO A 524 -7.46 31.80 -1.43
N LYS A 525 -7.22 32.80 -0.58
CA LYS A 525 -7.96 34.05 -0.61
C LYS A 525 -7.84 34.75 -1.95
N GLU A 526 -6.70 34.59 -2.62
CA GLU A 526 -6.49 35.22 -3.92
C GLU A 526 -7.51 34.73 -4.96
N ALA A 527 -8.18 33.60 -4.71
CA ALA A 527 -9.22 33.12 -5.62
C ALA A 527 -10.53 33.93 -5.47
N GLU A 528 -10.73 34.58 -4.31
CA GLU A 528 -11.79 35.56 -4.14
C GLU A 528 -13.14 34.91 -4.42
N VAL A 529 -13.35 33.77 -3.76
CA VAL A 529 -14.52 32.94 -4.06
C VAL A 529 -15.30 32.80 -2.76
N ASN A 530 -16.64 32.85 -2.87
CA ASN A 530 -17.49 32.65 -1.72
C ASN A 530 -17.82 31.16 -1.61
N SER A 531 -18.27 30.58 -2.72
CA SER A 531 -18.60 29.16 -2.77
C SER A 531 -18.52 28.67 -4.20
N TRP A 532 -18.14 27.41 -4.32
CA TRP A 532 -18.00 26.76 -5.60
C TRP A 532 -18.27 25.28 -5.41
N THR A 533 -19.46 24.85 -5.84
CA THR A 533 -19.92 23.47 -5.72
C THR A 533 -19.65 22.76 -7.05
N ARG A 534 -18.82 21.73 -6.95
CA ARG A 534 -18.56 20.79 -8.04
C ARG A 534 -19.35 19.53 -7.76
N ALA A 535 -20.17 19.11 -8.73
CA ALA A 535 -21.12 18.02 -8.53
C ALA A 535 -21.05 17.02 -9.69
N TYR A 536 -21.21 15.72 -9.37
CA TYR A 536 -21.17 14.65 -10.38
C TYR A 536 -22.43 13.78 -10.29
N SER A 537 -23.01 13.51 -11.45
CA SER A 537 -24.20 12.67 -11.58
C SER A 537 -23.96 11.65 -12.70
N LEU A 538 -23.74 10.37 -12.34
CA LEU A 538 -23.52 9.34 -13.34
C LEU A 538 -24.86 8.67 -13.68
N GLY A 539 -25.30 8.86 -14.92
CA GLY A 539 -26.48 8.17 -15.42
C GLY A 539 -26.07 6.84 -16.06
N ASP A 540 -27.03 6.17 -16.71
CA ASP A 540 -26.82 4.82 -17.23
C ASP A 540 -25.92 4.88 -18.46
N LYS A 541 -25.95 6.04 -19.15
CA LYS A 541 -25.20 6.24 -20.37
C LYS A 541 -24.49 7.60 -20.43
N GLN A 542 -24.40 8.35 -19.30
CA GLN A 542 -23.73 9.63 -19.37
C GLN A 542 -23.22 10.04 -17.98
N LEU A 543 -22.28 11.00 -17.97
CA LEU A 543 -21.90 11.72 -16.77
C LEU A 543 -22.30 13.19 -16.95
N THR A 544 -22.88 13.78 -15.89
CA THR A 544 -23.12 15.22 -15.83
C THR A 544 -22.22 15.82 -14.74
N ILE A 545 -21.49 16.87 -15.11
CA ILE A 545 -20.64 17.60 -14.18
C ILE A 545 -21.21 19.02 -14.09
N THR A 546 -21.36 19.56 -12.89
CA THR A 546 -21.82 20.93 -12.77
C THR A 546 -20.90 21.69 -11.82
N ASP A 547 -20.68 22.97 -12.18
CA ASP A 547 -19.94 23.92 -11.38
C ASP A 547 -20.87 25.11 -11.10
N ASN A 548 -21.06 25.41 -9.82
CA ASN A 548 -22.08 26.34 -9.33
C ASN A 548 -21.48 27.28 -8.30
N PHE A 549 -21.20 28.52 -8.71
CA PHE A 549 -20.27 29.35 -7.97
C PHE A 549 -20.74 30.79 -7.78
N SER A 550 -20.27 31.37 -6.68
CA SER A 550 -20.38 32.78 -6.36
C SER A 550 -18.99 33.32 -6.02
N LEU A 551 -18.53 34.34 -6.75
CA LEU A 551 -17.22 34.95 -6.50
C LEU A 551 -17.40 36.31 -5.83
N LYS A 552 -16.40 36.75 -5.04
CA LYS A 552 -16.41 38.09 -4.45
C LYS A 552 -16.09 39.16 -5.49
N SER A 553 -15.38 38.77 -6.53
CA SER A 553 -14.95 39.71 -7.54
C SER A 553 -14.67 38.89 -8.79
N ALA A 554 -15.06 39.41 -9.96
CA ALA A 554 -14.85 38.73 -11.22
C ALA A 554 -13.56 39.24 -11.85
N LYS A 555 -12.42 38.71 -11.37
CA LYS A 555 -11.12 39.28 -11.70
C LYS A 555 -10.59 38.71 -13.00
N GLU A 556 -10.66 37.38 -13.15
CA GLU A 556 -10.14 36.71 -14.34
C GLU A 556 -11.15 35.66 -14.77
N SER A 557 -11.19 35.36 -16.09
CA SER A 557 -11.99 34.27 -16.62
C SER A 557 -11.66 32.99 -15.85
N ASN A 558 -12.70 32.22 -15.49
CA ASN A 558 -12.46 30.90 -14.92
C ASN A 558 -11.87 29.99 -15.99
N GLN A 559 -11.06 29.02 -15.57
CA GLN A 559 -10.54 28.04 -16.51
C GLN A 559 -10.86 26.66 -15.97
N VAL A 560 -11.53 25.85 -16.79
CA VAL A 560 -11.87 24.50 -16.40
C VAL A 560 -11.09 23.51 -17.28
N ASN A 561 -10.35 22.61 -16.61
CA ASN A 561 -9.33 21.76 -17.20
C ASN A 561 -9.74 20.29 -17.12
N PHE A 562 -9.43 19.53 -18.17
CA PHE A 562 -9.64 18.09 -18.19
C PHE A 562 -8.36 17.44 -18.72
N LEU A 563 -7.81 16.46 -17.99
CA LEU A 563 -6.67 15.68 -18.44
C LEU A 563 -7.16 14.48 -19.23
N THR A 564 -6.52 14.18 -20.37
CA THR A 564 -6.86 12.99 -21.15
C THR A 564 -5.69 12.55 -22.05
N TRP A 565 -5.98 11.62 -22.97
CA TRP A 565 -4.94 11.06 -23.83
C TRP A 565 -5.60 10.49 -25.09
N GLY A 566 -4.81 9.89 -25.99
CA GLY A 566 -5.33 9.35 -27.25
C GLY A 566 -5.47 10.47 -28.29
N LYS A 567 -6.55 10.43 -29.08
CA LYS A 567 -6.85 11.50 -30.02
C LYS A 567 -7.96 12.38 -29.46
N VAL A 568 -7.74 13.70 -29.54
CA VAL A 568 -8.61 14.72 -28.97
C VAL A 568 -8.99 15.69 -30.08
N ASP A 569 -10.28 15.87 -30.33
CA ASP A 569 -10.76 16.63 -31.47
C ASP A 569 -11.68 17.74 -30.97
N ILE A 570 -11.21 18.99 -31.11
CA ILE A 570 -11.96 20.19 -30.70
C ILE A 570 -12.44 20.99 -31.91
N SER A 571 -12.54 20.39 -33.10
CA SER A 571 -12.94 21.13 -34.29
C SER A 571 -14.35 21.67 -34.13
N VAL A 572 -15.31 20.78 -33.83
CA VAL A 572 -16.70 21.16 -33.54
C VAL A 572 -16.77 22.04 -32.27
N PRO A 573 -17.38 23.25 -32.30
CA PRO A 573 -17.58 24.04 -31.07
C PRO A 573 -18.66 23.48 -30.17
N GLY A 574 -18.47 23.60 -28.86
CA GLY A 574 -19.42 22.99 -27.93
C GLY A 574 -19.09 21.53 -27.57
N LYS A 575 -18.10 20.90 -28.22
CA LYS A 575 -17.85 19.46 -28.14
C LYS A 575 -16.35 19.14 -28.23
N VAL A 576 -15.92 18.23 -27.36
CA VAL A 576 -14.60 17.61 -27.40
C VAL A 576 -14.82 16.11 -27.53
N THR A 577 -14.35 15.54 -28.64
CA THR A 577 -14.34 14.11 -28.81
C THR A 577 -12.99 13.55 -28.35
N ILE A 578 -13.07 12.49 -27.55
CA ILE A 578 -11.89 11.77 -27.10
C ILE A 578 -11.99 10.34 -27.59
N ASP A 579 -11.02 9.91 -28.40
CA ASP A 579 -10.89 8.51 -28.80
C ASP A 579 -9.62 7.88 -28.23
N VAL A 580 -9.79 6.81 -27.43
CA VAL A 580 -8.67 6.12 -26.83
C VAL A 580 -8.91 4.62 -26.88
N GLN A 581 -7.94 3.93 -27.48
CA GLN A 581 -7.97 2.48 -27.61
C GLN A 581 -9.35 1.94 -28.01
N GLY A 582 -9.96 2.60 -29.01
CA GLY A 582 -11.25 2.21 -29.57
C GLY A 582 -12.45 2.57 -28.67
N GLN A 583 -12.19 3.23 -27.53
CA GLN A 583 -13.28 3.84 -26.76
C GLN A 583 -13.45 5.30 -27.16
N LYS A 584 -14.71 5.73 -27.41
CA LYS A 584 -15.06 7.13 -27.60
C LYS A 584 -15.88 7.72 -26.43
N VAL A 585 -15.58 8.96 -26.05
CA VAL A 585 -16.53 9.76 -25.28
C VAL A 585 -16.64 11.13 -25.96
N THR A 586 -17.76 11.83 -25.70
CA THR A 586 -17.87 13.21 -26.14
C THR A 586 -18.18 14.11 -24.94
N LEU A 587 -17.36 15.14 -24.75
CA LEU A 587 -17.55 16.14 -23.72
C LEU A 587 -18.19 17.40 -24.32
N GLU A 588 -19.39 17.73 -23.84
CA GLU A 588 -20.15 18.89 -24.29
C GLU A 588 -20.05 19.97 -23.23
N TYR A 589 -19.78 21.19 -23.68
CA TYR A 589 -19.57 22.30 -22.78
C TYR A 589 -20.33 23.51 -23.29
N PRO A 590 -20.65 24.48 -22.40
CA PRO A 590 -21.44 25.64 -22.78
C PRO A 590 -20.72 26.56 -23.77
N GLY A 591 -21.52 27.27 -24.58
CA GLY A 591 -21.05 28.25 -25.55
C GLY A 591 -20.09 29.32 -25.01
N GLU A 592 -20.21 29.71 -23.73
CA GLU A 592 -19.34 30.74 -23.17
C GLU A 592 -17.85 30.37 -23.18
N PHE A 593 -17.49 29.09 -23.39
CA PHE A 593 -16.09 28.72 -23.29
C PHE A 593 -15.43 28.60 -24.67
N THR A 594 -14.12 28.90 -24.68
CA THR A 594 -13.24 28.57 -25.78
C THR A 594 -12.36 27.39 -25.34
N ALA A 595 -12.19 26.41 -26.24
CA ALA A 595 -11.41 25.21 -26.02
C ALA A 595 -10.04 25.26 -26.69
N THR A 596 -8.97 24.96 -25.93
CA THR A 596 -7.69 24.59 -26.51
C THR A 596 -7.26 23.22 -25.98
N VAL A 597 -6.31 22.59 -26.68
CA VAL A 597 -5.71 21.33 -26.27
C VAL A 597 -4.20 21.50 -26.25
N GLU A 598 -3.59 21.34 -25.08
CA GLU A 598 -2.15 21.50 -24.91
C GLU A 598 -1.48 20.12 -24.83
N THR A 599 -0.40 19.91 -25.58
CA THR A 599 0.34 18.65 -25.49
C THR A 599 1.23 18.68 -24.23
N ILE A 600 1.22 17.58 -23.46
CA ILE A 600 2.13 17.37 -22.33
C ILE A 600 3.04 16.19 -22.66
N ASN A 601 4.32 16.46 -23.00
CA ASN A 601 5.27 15.41 -23.32
C ASN A 601 5.73 14.84 -21.98
N LEU A 602 6.07 13.54 -21.98
CA LEU A 602 6.39 12.80 -20.76
C LEU A 602 7.80 12.23 -20.88
N PRO A 603 8.86 13.03 -20.62
CA PRO A 603 10.23 12.50 -20.57
C PRO A 603 10.45 11.48 -19.46
N ASP A 604 9.82 11.71 -18.30
CA ASP A 604 9.87 10.79 -17.17
C ASP A 604 9.23 9.45 -17.58
N THR A 605 10.05 8.40 -17.76
CA THR A 605 9.59 7.07 -18.17
C THR A 605 8.65 6.45 -17.10
N ARG A 606 8.68 6.93 -15.86
CA ARG A 606 7.78 6.38 -14.87
C ARG A 606 6.33 6.74 -15.24
N LEU A 607 6.16 7.81 -16.03
CA LEU A 607 4.87 8.27 -16.53
C LEU A 607 4.66 7.72 -17.94
N SER A 608 5.69 7.80 -18.80
CA SER A 608 5.56 7.37 -20.19
C SER A 608 5.36 5.85 -20.31
N ASN A 609 5.81 5.07 -19.33
CA ASN A 609 5.57 3.63 -19.31
C ASN A 609 4.10 3.32 -19.09
N VAL A 610 3.41 4.28 -18.46
CA VAL A 610 2.00 4.15 -18.13
C VAL A 610 1.20 4.73 -19.29
N TRP A 611 1.48 5.99 -19.68
CA TRP A 611 0.60 6.71 -20.61
C TRP A 611 1.12 6.84 -22.04
N GLY A 612 2.29 6.28 -22.35
CA GLY A 612 2.91 6.61 -23.63
C GLY A 612 3.60 7.98 -23.61
N THR A 613 3.94 8.52 -24.78
CA THR A 613 4.94 9.59 -24.84
C THR A 613 4.33 10.97 -24.57
N GLU A 614 3.00 11.06 -24.53
CA GLU A 614 2.31 12.34 -24.40
C GLU A 614 0.84 12.18 -24.00
N ILE A 615 0.39 13.14 -23.18
CA ILE A 615 -1.02 13.26 -22.84
C ILE A 615 -1.44 14.69 -23.17
N TYR A 616 -2.73 15.02 -22.96
CA TYR A 616 -3.26 16.31 -23.34
C TYR A 616 -4.03 16.94 -22.19
N ARG A 617 -3.97 18.30 -22.09
CA ARG A 617 -4.89 19.06 -21.25
C ARG A 617 -5.86 19.83 -22.13
N ILE A 618 -7.16 19.57 -21.94
CA ILE A 618 -8.23 20.36 -22.52
C ILE A 618 -8.48 21.52 -21.57
N ALA A 619 -8.16 22.73 -22.04
CA ALA A 619 -8.40 23.95 -21.31
C ALA A 619 -9.65 24.61 -21.88
N LEU A 620 -10.68 24.78 -21.02
CA LEU A 620 -11.89 25.53 -21.34
C LEU A 620 -11.83 26.85 -20.58
N LYS A 621 -11.64 27.97 -21.33
CA LYS A 621 -11.55 29.30 -20.73
C LYS A 621 -12.83 30.10 -21.00
N ASP A 622 -13.53 30.48 -19.93
CA ASP A 622 -14.77 31.23 -20.05
C ASP A 622 -14.45 32.54 -20.78
N LYS A 623 -15.16 32.84 -21.86
CA LYS A 623 -14.96 34.09 -22.59
C LYS A 623 -15.05 35.35 -21.71
N ASP A 624 -15.92 35.38 -20.68
CA ASP A 624 -16.05 36.56 -19.81
C ASP A 624 -16.04 36.18 -18.34
N ALA A 625 -15.55 37.11 -17.53
CA ALA A 625 -15.56 36.92 -16.09
C ALA A 625 -16.97 37.22 -15.58
N ARG A 626 -17.44 36.43 -14.59
CA ARG A 626 -18.77 36.54 -14.02
C ARG A 626 -18.70 36.40 -12.51
N LEU A 627 -19.59 37.12 -11.80
CA LEU A 627 -19.63 37.04 -10.36
C LEU A 627 -20.23 35.73 -9.91
N THR A 628 -21.33 35.32 -10.58
CA THR A 628 -22.04 34.11 -10.21
C THR A 628 -22.36 33.38 -11.51
N GLY A 629 -22.49 32.07 -11.42
CA GLY A 629 -22.76 31.30 -12.63
C GLY A 629 -22.85 29.82 -12.35
N LYS A 630 -23.29 29.10 -13.38
CA LYS A 630 -23.46 27.66 -13.33
C LYS A 630 -22.90 27.13 -14.63
N TYR A 631 -21.89 26.25 -14.56
CA TYR A 631 -21.43 25.57 -15.76
C TYR A 631 -21.92 24.12 -15.71
N LYS A 632 -22.33 23.59 -16.87
CA LYS A 632 -22.81 22.22 -16.94
C LYS A 632 -22.06 21.51 -18.06
N PHE A 633 -21.41 20.38 -17.74
CA PHE A 633 -20.70 19.58 -18.73
C PHE A 633 -21.39 18.23 -18.80
N VAL A 634 -21.51 17.68 -20.03
CA VAL A 634 -22.09 16.37 -20.25
C VAL A 634 -21.09 15.52 -21.03
N ILE A 635 -20.79 14.33 -20.48
CA ILE A 635 -19.94 13.36 -21.16
C ILE A 635 -20.78 12.12 -21.50
N LYS A 636 -20.85 11.78 -22.79
CA LYS A 636 -21.67 10.68 -23.27
C LYS A 636 -20.88 9.78 -24.23
#